data_3P02
#
_entry.id   3P02
#
_cell.length_a   51.920
_cell.length_b   61.920
_cell.length_c   96.070
_cell.angle_alpha   90.000
_cell.angle_beta   90.000
_cell.angle_gamma   90.000
#
_symmetry.space_group_name_H-M   'P 21 21 21'
#
loop_
_entity.id
_entity.type
_entity.pdbx_description
1 polymer 'Uncharacterized protein'
2 non-polymer 1,2-ETHANEDIOL
3 water water
#
_entity_poly.entity_id   1
_entity_poly.type   'polypeptide(L)'
_entity_poly.pdbx_seq_one_letter_code
;GDEWTDEQFKQLISFKTQPGGWGVTDVHVRYANSAKYTYNLPVLVSGSTDNTDDRLVSFSLRDDTLDILNFEKFGNRPEL
YFRELPQKYYSFPKELTIPAGQSHALLPIEFSLDGLDDSQKWALPLKVCEDANGTYAVNPRKYYRTAVLRPILFNEFSGR
FSGSSLLGT(MSE)AGESDIKFSSTEIKLNVVTDSIVFFYAGQRTEDYEDRINYKVFLQFTGDKVDSKKDLYK(MSE)KI
WAENEKLKFNSYSTPTYKVSSE(MSE)DATKTYLKHTYIVISDIDFDFVDYTSVPNYEIEYN(MSE)KGGLSVSRDLDTR
KPDEDQGSDSKWW
;
_entity_poly.pdbx_strand_id   A
#
# COMPACT_ATOMS: atom_id res chain seq x y z
N TRP A 4 27.68 -12.74 -28.13
CA TRP A 4 27.04 -12.76 -26.81
C TRP A 4 26.80 -14.18 -26.31
N THR A 5 27.09 -14.42 -25.00
CA THR A 5 26.89 -15.72 -24.35
C THR A 5 26.07 -15.56 -23.06
N ASP A 6 25.32 -16.60 -22.68
CA ASP A 6 24.51 -16.62 -21.46
C ASP A 6 25.38 -16.39 -20.20
N GLU A 7 26.61 -16.95 -20.20
CA GLU A 7 27.58 -16.87 -19.11
C GLU A 7 28.13 -15.44 -18.96
N GLN A 8 28.37 -14.72 -20.09
CA GLN A 8 28.85 -13.33 -20.12
CA GLN A 8 28.85 -13.33 -20.10
C GLN A 8 27.83 -12.42 -19.40
N PHE A 9 26.54 -12.73 -19.51
CA PHE A 9 25.49 -11.95 -18.87
C PHE A 9 25.21 -12.50 -17.47
N LYS A 10 25.71 -13.72 -17.18
CA LYS A 10 25.61 -14.39 -15.88
C LYS A 10 26.96 -14.27 -15.10
N GLN A 11 27.60 -13.10 -15.22
N GLN A 11 27.60 -13.10 -15.24
CA GLN A 11 28.79 -12.67 -14.48
CA GLN A 11 28.82 -12.65 -14.55
C GLN A 11 28.60 -11.19 -14.13
C GLN A 11 28.55 -11.22 -14.05
N LEU A 12 27.44 -10.64 -14.53
CA LEU A 12 27.01 -9.28 -14.28
C LEU A 12 26.12 -9.24 -13.04
N ILE A 13 25.73 -8.02 -12.67
CA ILE A 13 25.03 -7.78 -11.42
C ILE A 13 23.54 -7.61 -11.61
N SER A 14 22.75 -8.10 -10.65
CA SER A 14 21.31 -8.02 -10.75
C SER A 14 20.68 -7.80 -9.39
N PHE A 15 19.36 -7.61 -9.36
CA PHE A 15 18.62 -7.53 -8.11
C PHE A 15 17.98 -8.87 -7.81
N LYS A 16 17.80 -9.15 -6.49
CA LYS A 16 17.23 -10.39 -6.04
C LYS A 16 16.02 -10.09 -5.24
N THR A 17 14.89 -10.12 -5.93
CA THR A 17 13.57 -9.92 -5.33
C THR A 17 12.62 -10.96 -5.89
N GLN A 18 11.51 -11.19 -5.17
N GLN A 18 11.50 -11.16 -5.20
CA GLN A 18 10.41 -12.06 -5.56
CA GLN A 18 10.44 -12.04 -5.67
C GLN A 18 9.18 -11.14 -5.81
C GLN A 18 9.19 -11.16 -5.82
N PRO A 19 9.06 -10.45 -6.97
CA PRO A 19 7.92 -9.53 -7.17
C PRO A 19 6.59 -10.24 -7.34
N GLY A 20 5.51 -9.57 -6.88
CA GLY A 20 4.15 -10.08 -6.97
C GLY A 20 3.61 -10.12 -8.40
N GLY A 21 2.32 -10.39 -8.51
CA GLY A 21 1.60 -10.50 -9.77
C GLY A 21 1.59 -9.27 -10.66
N TRP A 22 1.76 -8.06 -10.07
N TRP A 22 1.76 -8.07 -10.07
CA TRP A 22 1.77 -6.82 -10.84
CA TRP A 22 1.77 -6.80 -10.80
C TRP A 22 3.21 -6.37 -11.17
C TRP A 22 3.21 -6.37 -11.17
N GLY A 23 4.17 -7.27 -10.95
CA GLY A 23 5.58 -7.03 -11.27
C GLY A 23 6.33 -6.12 -10.32
N VAL A 24 5.78 -5.88 -9.12
CA VAL A 24 6.42 -5.00 -8.15
C VAL A 24 6.72 -5.77 -6.87
N THR A 25 7.68 -5.25 -6.09
CA THR A 25 8.02 -5.74 -4.76
C THR A 25 7.42 -4.75 -3.76
N ASP A 26 6.58 -5.25 -2.85
CA ASP A 26 5.97 -4.38 -1.85
C ASP A 26 6.94 -4.11 -0.72
N VAL A 27 6.96 -2.86 -0.28
CA VAL A 27 7.83 -2.40 0.82
C VAL A 27 6.89 -1.92 1.91
N HIS A 28 6.85 -2.63 3.04
CA HIS A 28 5.89 -2.30 4.09
C HIS A 28 6.44 -1.22 5.00
N VAL A 29 5.76 -0.07 5.05
CA VAL A 29 6.24 1.09 5.80
C VAL A 29 5.22 1.52 6.86
N ARG A 30 5.62 1.44 8.14
CA ARG A 30 4.73 1.92 9.22
C ARG A 30 4.65 3.43 9.28
N TYR A 31 3.42 3.95 9.34
CA TYR A 31 3.17 5.35 9.61
C TYR A 31 3.00 5.48 11.13
N ALA A 32 4.06 5.89 11.80
CA ALA A 32 4.03 6.14 13.26
C ALA A 32 4.04 7.68 13.45
N ASN A 33 4.94 8.26 14.30
CA ASN A 33 5.03 9.73 14.39
CA ASN A 33 5.08 9.73 14.40
C ASN A 33 5.51 10.25 13.02
N SER A 34 6.32 9.42 12.35
CA SER A 34 6.84 9.64 11.00
CA SER A 34 6.81 9.64 10.99
C SER A 34 6.64 8.34 10.23
N ALA A 35 6.76 8.38 8.91
CA ALA A 35 6.62 7.18 8.08
C ALA A 35 7.98 6.88 7.44
N LYS A 36 8.95 6.49 8.27
CA LYS A 36 10.31 6.20 7.83
C LYS A 36 10.67 4.72 7.92
N TYR A 37 11.35 4.22 6.88
CA TYR A 37 11.79 2.84 6.81
C TYR A 37 12.93 2.73 5.81
N THR A 38 13.98 1.98 6.18
CA THR A 38 15.07 1.67 5.25
C THR A 38 14.85 0.28 4.73
N TYR A 39 14.66 0.15 3.43
CA TYR A 39 14.47 -1.13 2.77
C TYR A 39 15.82 -1.56 2.17
N ASN A 40 16.24 -2.81 2.45
CA ASN A 40 17.52 -3.30 1.90
C ASN A 40 17.25 -4.16 0.70
N LEU A 41 17.54 -3.61 -0.49
CA LEU A 41 17.31 -4.30 -1.75
C LEU A 41 18.53 -5.19 -2.08
N PRO A 42 18.36 -6.55 -2.11
CA PRO A 42 19.53 -7.42 -2.37
C PRO A 42 20.05 -7.30 -3.79
N VAL A 43 21.39 -7.27 -3.89
CA VAL A 43 22.14 -7.20 -5.15
C VAL A 43 22.91 -8.52 -5.25
N LEU A 44 22.90 -9.18 -6.41
CA LEU A 44 23.66 -10.42 -6.64
C LEU A 44 24.69 -10.26 -7.70
N VAL A 45 25.89 -10.85 -7.52
CA VAL A 45 26.92 -10.93 -8.55
C VAL A 45 26.90 -12.39 -8.95
N SER A 46 26.44 -12.70 -10.17
N SER A 46 26.46 -12.69 -10.18
CA SER A 46 26.37 -14.10 -10.63
CA SER A 46 26.36 -14.06 -10.70
C SER A 46 27.76 -14.65 -11.00
C SER A 46 27.74 -14.62 -11.07
N GLY A 47 28.77 -13.77 -10.99
CA GLY A 47 30.16 -14.12 -11.29
C GLY A 47 31.11 -12.94 -11.16
N THR A 52 37.57 -11.49 -9.43
CA THR A 52 38.99 -11.14 -9.33
C THR A 52 39.19 -9.61 -9.06
N ASP A 53 38.27 -8.76 -9.57
CA ASP A 53 38.37 -7.31 -9.41
C ASP A 53 37.18 -6.72 -8.66
N ASP A 54 37.40 -5.56 -7.98
CA ASP A 54 36.31 -4.84 -7.30
C ASP A 54 35.36 -4.27 -8.33
N ARG A 55 34.06 -4.33 -8.03
CA ARG A 55 33.03 -3.86 -8.97
C ARG A 55 32.49 -2.52 -8.52
N LEU A 56 32.49 -1.51 -9.40
CA LEU A 56 31.85 -0.24 -9.06
C LEU A 56 30.47 -0.25 -9.74
N VAL A 57 29.45 -0.38 -8.90
CA VAL A 57 28.07 -0.54 -9.34
C VAL A 57 27.32 0.77 -9.24
N SER A 58 26.48 1.06 -10.25
CA SER A 58 25.65 2.27 -10.24
CA SER A 58 25.65 2.25 -10.31
C SER A 58 24.18 1.89 -10.18
N PHE A 59 23.41 2.72 -9.48
CA PHE A 59 21.97 2.53 -9.31
C PHE A 59 21.29 3.78 -9.76
N SER A 60 20.24 3.64 -10.53
CA SER A 60 19.56 4.82 -10.99
C SER A 60 18.10 4.60 -11.11
N LEU A 61 17.35 5.69 -11.03
CA LEU A 61 15.94 5.69 -11.31
C LEU A 61 15.81 5.36 -12.80
N ARG A 62 15.02 4.34 -13.14
CA ARG A 62 14.88 3.91 -14.54
C ARG A 62 13.63 4.58 -15.13
N ASP A 63 13.87 5.60 -15.98
CA ASP A 63 12.86 6.49 -16.53
CA ASP A 63 12.80 6.47 -16.47
C ASP A 63 11.82 5.83 -17.47
N ASP A 64 12.11 4.64 -18.06
CA ASP A 64 11.13 4.02 -19.00
C ASP A 64 10.34 2.81 -18.46
N THR A 65 10.71 2.31 -17.26
CA THR A 65 10.11 1.08 -16.72
C THR A 65 8.62 1.15 -16.49
N LEU A 66 8.16 2.20 -15.82
CA LEU A 66 6.75 2.26 -15.45
C LEU A 66 5.83 2.35 -16.60
N ASP A 67 6.19 3.11 -17.65
CA ASP A 67 5.27 3.22 -18.79
C ASP A 67 5.05 1.85 -19.41
N ILE A 68 6.10 1.02 -19.50
CA ILE A 68 5.98 -0.32 -20.08
C ILE A 68 5.22 -1.25 -19.13
N LEU A 69 5.63 -1.33 -17.86
CA LEU A 69 4.96 -2.17 -16.87
CA LEU A 69 4.95 -2.17 -16.86
C LEU A 69 3.46 -1.82 -16.81
N ASN A 70 3.13 -0.52 -16.74
CA ASN A 70 1.73 -0.09 -16.66
C ASN A 70 0.91 -0.58 -17.85
N PHE A 71 1.41 -0.41 -19.06
CA PHE A 71 0.63 -0.83 -20.22
C PHE A 71 0.52 -2.35 -20.27
N GLU A 72 1.64 -3.04 -20.05
CA GLU A 72 1.66 -4.50 -20.12
C GLU A 72 0.74 -5.14 -19.05
N LYS A 73 0.65 -4.54 -17.86
CA LYS A 73 -0.19 -5.11 -16.80
CA LYS A 73 -0.19 -5.11 -16.80
C LYS A 73 -1.62 -4.62 -16.86
N PHE A 74 -1.84 -3.35 -17.25
CA PHE A 74 -3.21 -2.80 -17.18
C PHE A 74 -3.83 -2.35 -18.48
N GLY A 75 -3.12 -2.42 -19.59
CA GLY A 75 -3.65 -1.95 -20.86
C GLY A 75 -4.01 -0.48 -20.83
N ASN A 76 -5.09 -0.10 -21.51
CA ASN A 76 -5.53 1.31 -21.59
C ASN A 76 -6.40 1.72 -20.43
N ARG A 77 -5.90 1.53 -19.20
CA ARG A 77 -6.62 1.89 -17.99
CA ARG A 77 -6.61 1.82 -17.95
C ARG A 77 -5.71 2.71 -17.08
N PRO A 78 -5.46 4.01 -17.50
CA PRO A 78 -4.53 4.87 -16.72
C PRO A 78 -4.89 5.05 -15.26
N GLU A 79 -6.16 4.85 -14.89
CA GLU A 79 -6.55 4.98 -13.49
C GLU A 79 -5.90 3.91 -12.59
N LEU A 80 -5.45 2.78 -13.21
CA LEU A 80 -4.81 1.68 -12.48
C LEU A 80 -3.28 1.79 -12.41
N TYR A 81 -2.72 2.76 -13.14
CA TYR A 81 -1.27 2.84 -13.30
C TYR A 81 -0.53 3.23 -12.03
N PHE A 82 0.68 2.67 -11.92
CA PHE A 82 1.61 3.09 -10.88
C PHE A 82 2.15 4.45 -11.32
N ARG A 83 2.31 5.35 -10.35
CA ARG A 83 2.91 6.65 -10.57
C ARG A 83 4.29 6.62 -10.00
N GLU A 84 5.24 7.30 -10.65
CA GLU A 84 6.59 7.35 -10.11
C GLU A 84 6.61 8.02 -8.75
N LEU A 85 7.22 7.36 -7.76
CA LEU A 85 7.32 7.95 -6.43
C LEU A 85 8.21 9.22 -6.50
N PRO A 86 7.69 10.42 -6.13
CA PRO A 86 8.55 11.62 -6.17
C PRO A 86 9.78 11.49 -5.28
N GLN A 87 10.86 12.15 -5.71
CA GLN A 87 12.19 12.10 -5.13
C GLN A 87 12.24 12.57 -3.65
N LYS A 88 11.31 13.44 -3.24
CA LYS A 88 11.32 13.88 -1.85
C LYS A 88 10.98 12.74 -0.86
N TYR A 89 10.42 11.63 -1.38
CA TYR A 89 10.04 10.52 -0.52
C TYR A 89 11.10 9.44 -0.34
N TYR A 90 12.26 9.55 -1.03
CA TYR A 90 13.24 8.51 -0.83
C TYR A 90 14.65 9.01 -1.04
N SER A 91 15.61 8.18 -0.62
CA SER A 91 17.02 8.41 -0.90
CA SER A 91 17.04 8.42 -0.81
C SER A 91 17.76 7.09 -0.97
N PHE A 92 18.70 7.01 -1.89
CA PHE A 92 19.52 5.81 -2.02
C PHE A 92 20.87 6.19 -2.60
N PRO A 93 21.96 5.51 -2.24
CA PRO A 93 23.26 5.88 -2.83
C PRO A 93 23.30 5.52 -4.33
N LYS A 94 23.90 6.39 -5.15
CA LYS A 94 23.95 6.18 -6.60
C LYS A 94 25.04 5.18 -6.98
N GLU A 95 25.98 4.93 -6.06
CA GLU A 95 27.08 4.01 -6.30
C GLU A 95 27.44 3.21 -5.08
N LEU A 96 28.02 2.03 -5.34
CA LEU A 96 28.47 1.06 -4.35
CA LEU A 96 28.49 1.08 -4.35
C LEU A 96 29.64 0.26 -4.92
N THR A 97 30.61 -0.06 -4.07
CA THR A 97 31.71 -0.91 -4.46
C THR A 97 31.43 -2.29 -3.89
N ILE A 98 31.46 -3.33 -4.75
CA ILE A 98 31.33 -4.71 -4.32
C ILE A 98 32.74 -5.29 -4.38
N PRO A 99 33.38 -5.57 -3.23
CA PRO A 99 34.75 -6.11 -3.26
C PRO A 99 34.87 -7.44 -4.00
N ALA A 100 36.07 -7.71 -4.58
CA ALA A 100 36.34 -8.99 -5.22
C ALA A 100 36.16 -10.09 -4.17
N GLY A 101 35.60 -11.22 -4.56
CA GLY A 101 35.37 -12.32 -3.63
C GLY A 101 34.01 -12.26 -2.92
N GLN A 102 33.29 -11.12 -3.04
CA GLN A 102 31.96 -10.91 -2.43
C GLN A 102 30.89 -11.00 -3.54
N SER A 103 29.95 -11.94 -3.46
CA SER A 103 28.98 -12.07 -4.58
C SER A 103 27.61 -11.46 -4.23
N HIS A 104 27.55 -10.76 -3.11
CA HIS A 104 26.31 -10.15 -2.67
C HIS A 104 26.58 -8.70 -2.27
N ALA A 105 25.52 -7.89 -2.24
CA ALA A 105 25.53 -6.53 -1.75
C ALA A 105 24.11 -6.11 -1.44
N LEU A 106 23.96 -4.95 -0.78
CA LEU A 106 22.65 -4.42 -0.45
C LEU A 106 22.55 -2.97 -0.83
N LEU A 107 21.42 -2.61 -1.43
CA LEU A 107 21.15 -1.23 -1.74
C LEU A 107 20.17 -0.72 -0.69
N PRO A 108 20.61 0.11 0.26
CA PRO A 108 19.65 0.61 1.26
C PRO A 108 18.88 1.80 0.70
N ILE A 109 17.55 1.67 0.69
CA ILE A 109 16.67 2.76 0.24
C ILE A 109 15.93 3.29 1.44
N GLU A 110 16.18 4.57 1.79
CA GLU A 110 15.51 5.20 2.91
C GLU A 110 14.22 5.84 2.43
N PHE A 111 13.10 5.29 2.82
CA PHE A 111 11.80 5.89 2.49
C PHE A 111 11.39 6.86 3.61
N SER A 112 10.86 8.02 3.21
CA SER A 112 10.35 9.06 4.13
CA SER A 112 10.37 9.06 4.12
C SER A 112 9.02 9.47 3.56
N LEU A 113 7.93 8.79 4.01
CA LEU A 113 6.63 8.96 3.35
C LEU A 113 5.58 9.82 4.03
N ASP A 114 5.99 10.67 4.98
CA ASP A 114 5.02 11.58 5.62
C ASP A 114 4.31 12.40 4.57
N GLY A 115 2.99 12.41 4.65
CA GLY A 115 2.19 13.17 3.70
C GLY A 115 1.93 12.50 2.35
N LEU A 116 2.47 11.26 2.13
CA LEU A 116 2.24 10.56 0.87
C LEU A 116 0.75 10.31 0.68
N ASP A 117 0.22 10.60 -0.52
CA ASP A 117 -1.21 10.37 -0.83
C ASP A 117 -1.43 8.89 -1.06
N ASP A 118 -2.06 8.20 -0.10
CA ASP A 118 -2.27 6.77 -0.19
C ASP A 118 -3.46 6.38 -1.06
N SER A 119 -4.08 7.34 -1.76
CA SER A 119 -5.14 6.99 -2.71
C SER A 119 -4.52 6.60 -4.08
N GLN A 120 -3.21 6.87 -4.25
CA GLN A 120 -2.46 6.59 -5.48
C GLN A 120 -1.52 5.44 -5.29
N LYS A 121 -1.20 4.71 -6.37
CA LYS A 121 -0.24 3.59 -6.30
C LYS A 121 1.10 4.15 -6.73
N TRP A 122 2.07 4.18 -5.83
CA TRP A 122 3.38 4.75 -6.13
C TRP A 122 4.40 3.66 -6.38
N ALA A 123 5.37 3.94 -7.23
CA ALA A 123 6.40 2.95 -7.46
C ALA A 123 7.74 3.60 -7.73
N LEU A 124 8.80 2.91 -7.32
CA LEU A 124 10.17 3.36 -7.51
C LEU A 124 10.92 2.32 -8.39
N PRO A 125 11.12 2.66 -9.69
CA PRO A 125 11.79 1.73 -10.60
C PRO A 125 13.30 1.96 -10.60
N LEU A 126 14.09 0.94 -10.27
CA LEU A 126 15.55 1.11 -10.12
C LEU A 126 16.30 0.14 -10.96
N LYS A 127 17.37 0.59 -11.61
CA LYS A 127 18.19 -0.35 -12.38
C LYS A 127 19.61 -0.33 -11.87
N VAL A 128 20.26 -1.49 -11.89
CA VAL A 128 21.65 -1.65 -11.51
C VAL A 128 22.47 -1.82 -12.81
N CYS A 129 23.65 -1.15 -12.88
CA CYS A 129 24.56 -1.33 -14.02
CA CYS A 129 24.55 -1.18 -14.05
CA CYS A 129 24.54 -1.13 -14.05
C CYS A 129 26.00 -1.08 -13.58
N GLU A 130 26.93 -1.25 -14.50
CA GLU A 130 28.36 -1.07 -14.33
C GLU A 130 28.76 -0.19 -15.48
N ASP A 131 29.25 1.03 -15.17
N ASP A 131 29.68 0.77 -15.23
CA ASP A 131 29.59 2.03 -16.17
CA ASP A 131 30.31 1.68 -16.21
C ASP A 131 30.97 1.77 -16.77
C ASP A 131 29.24 2.36 -17.10
N ASN A 133 29.36 -0.26 -19.37
CA ASN A 133 29.27 -1.58 -19.96
C ASN A 133 27.89 -1.73 -20.63
N GLY A 134 27.88 -1.71 -21.97
CA GLY A 134 26.69 -1.81 -22.80
C GLY A 134 25.92 -3.12 -22.68
N THR A 135 26.54 -4.15 -22.09
CA THR A 135 25.93 -5.46 -21.90
C THR A 135 24.70 -5.40 -20.94
N TYR A 136 24.59 -4.30 -20.14
CA TYR A 136 23.44 -4.10 -19.24
C TYR A 136 22.18 -3.66 -20.00
N ALA A 137 22.31 -3.36 -21.30
CA ALA A 137 21.14 -2.95 -22.09
C ALA A 137 20.59 -4.16 -22.87
N VAL A 138 21.21 -5.35 -22.71
CA VAL A 138 20.80 -6.58 -23.45
C VAL A 138 20.02 -7.48 -22.50
N ASN A 139 18.79 -7.88 -22.88
CA ASN A 139 17.94 -8.76 -22.08
C ASN A 139 17.86 -8.28 -20.63
N PRO A 140 17.54 -6.98 -20.38
CA PRO A 140 17.55 -6.50 -18.97
C PRO A 140 16.50 -7.18 -18.10
N ARG A 141 15.37 -7.58 -18.69
CA ARG A 141 14.29 -8.22 -17.97
C ARG A 141 14.69 -9.64 -17.52
N LYS A 142 15.24 -10.42 -18.47
CA LYS A 142 15.67 -11.80 -18.24
C LYS A 142 16.67 -11.87 -17.08
N TYR A 143 17.59 -10.89 -17.03
CA TYR A 143 18.66 -10.88 -16.04
C TYR A 143 18.39 -10.03 -14.82
N TYR A 144 17.12 -9.64 -14.58
CA TYR A 144 16.68 -8.91 -13.40
C TYR A 144 17.55 -7.68 -13.10
N ARG A 145 17.84 -6.85 -14.11
CA ARG A 145 18.63 -5.64 -13.87
C ARG A 145 17.82 -4.55 -13.17
N THR A 146 16.48 -4.62 -13.23
CA THR A 146 15.56 -3.60 -12.73
C THR A 146 14.56 -4.16 -11.71
N ALA A 147 14.43 -3.46 -10.58
CA ALA A 147 13.46 -3.78 -9.52
C ALA A 147 12.45 -2.62 -9.42
N VAL A 148 11.18 -2.94 -9.18
CA VAL A 148 10.17 -1.89 -9.02
C VAL A 148 9.61 -2.03 -7.61
N LEU A 149 9.79 -1.00 -6.78
CA LEU A 149 9.36 -1.07 -5.39
C LEU A 149 8.10 -0.26 -5.16
N ARG A 150 7.10 -0.88 -4.52
CA ARG A 150 5.83 -0.23 -4.20
CA ARG A 150 5.83 -0.21 -4.20
C ARG A 150 5.71 -0.02 -2.70
N PRO A 151 5.76 1.24 -2.16
CA PRO A 151 5.57 1.37 -0.71
C PRO A 151 4.11 1.11 -0.31
N ILE A 152 3.93 0.32 0.76
CA ILE A 152 2.62 -0.01 1.34
CA ILE A 152 2.60 0.04 1.31
C ILE A 152 2.60 0.58 2.73
N LEU A 153 1.86 1.67 2.95
CA LEU A 153 1.79 2.26 4.28
C LEU A 153 0.89 1.42 5.18
N PHE A 154 1.20 1.38 6.48
CA PHE A 154 0.28 0.72 7.41
C PHE A 154 0.34 1.42 8.75
N ASN A 155 -0.73 1.33 9.51
CA ASN A 155 -0.71 1.84 10.87
C ASN A 155 -1.50 0.80 11.70
N GLU A 156 -1.77 1.06 12.98
CA GLU A 156 -2.50 0.11 13.83
CA GLU A 156 -2.49 0.08 13.80
C GLU A 156 -3.90 -0.19 13.30
N PHE A 157 -4.48 0.74 12.55
CA PHE A 157 -5.89 0.67 12.13
C PHE A 157 -6.14 0.49 10.66
N SER A 158 -5.10 0.18 9.88
CA SER A 158 -5.24 0.15 8.43
C SER A 158 -5.37 -1.26 7.85
N GLY A 159 -5.67 -1.31 6.55
CA GLY A 159 -5.65 -2.55 5.83
C GLY A 159 -7.00 -3.09 5.42
N ARG A 160 -7.05 -4.40 5.26
CA ARG A 160 -8.21 -5.08 4.70
C ARG A 160 -9.22 -5.43 5.78
N PHE A 161 -10.28 -4.61 5.90
CA PHE A 161 -11.31 -4.90 6.89
C PHE A 161 -12.47 -5.63 6.27
N SER A 162 -13.21 -6.41 7.11
CA SER A 162 -14.46 -7.03 6.66
CA SER A 162 -14.44 -7.04 6.69
C SER A 162 -15.48 -5.90 6.48
N GLY A 163 -16.12 -5.86 5.30
CA GLY A 163 -17.08 -4.79 5.04
C GLY A 163 -18.53 -5.23 4.92
N SER A 164 -18.80 -6.55 5.09
CA SER A 164 -20.17 -7.06 4.88
C SER A 164 -21.24 -6.49 5.83
N SER A 165 -20.84 -5.92 6.97
CA SER A 165 -21.81 -5.33 7.90
C SER A 165 -21.95 -3.81 7.67
N LEU A 166 -21.31 -3.24 6.63
CA LEU A 166 -21.48 -1.83 6.30
C LEU A 166 -22.40 -1.78 5.08
N LEU A 167 -23.72 -1.64 5.36
CA LEU A 167 -24.74 -1.81 4.33
C LEU A 167 -25.07 -0.52 3.60
N GLY A 168 -25.02 -0.62 2.27
CA GLY A 168 -25.37 0.47 1.39
C GLY A 168 -26.83 0.36 1.02
N THR A 169 -27.59 1.43 1.23
CA THR A 169 -29.02 1.47 0.87
C THR A 169 -29.34 2.82 0.24
N ALA A 171 -30.90 6.51 0.55
CA ALA A 171 -31.24 7.38 1.69
C ALA A 171 -32.75 7.27 1.96
N GLY A 172 -33.13 7.08 3.21
CA GLY A 172 -34.54 7.00 3.58
C GLY A 172 -35.14 5.62 3.61
N GLU A 173 -34.43 4.59 3.03
CA GLU A 173 -34.96 3.20 3.03
C GLU A 173 -33.87 2.22 3.46
N SER A 174 -34.30 1.01 3.90
CA SER A 174 -33.35 -0.01 4.40
CA SER A 174 -33.34 0.00 4.38
C SER A 174 -33.12 -1.16 3.41
N ASP A 175 -33.73 -1.11 2.21
CA ASP A 175 -33.49 -2.20 1.26
CA ASP A 175 -33.52 -2.17 1.20
C ASP A 175 -32.03 -2.20 0.83
N ILE A 176 -31.33 -3.32 1.03
CA ILE A 176 -29.90 -3.39 0.71
C ILE A 176 -29.68 -3.25 -0.80
N LYS A 177 -28.81 -2.29 -1.17
CA LYS A 177 -28.46 -1.96 -2.55
C LYS A 177 -27.06 -2.41 -2.88
N PHE A 178 -26.15 -2.33 -1.90
CA PHE A 178 -24.79 -2.77 -2.13
C PHE A 178 -24.04 -3.00 -0.82
N SER A 179 -22.97 -3.80 -0.89
CA SER A 179 -22.00 -3.99 0.20
C SER A 179 -20.76 -4.62 -0.40
N SER A 180 -19.65 -4.56 0.33
CA SER A 180 -18.39 -5.14 -0.14
C SER A 180 -17.84 -6.05 0.92
N THR A 181 -17.37 -7.24 0.53
CA THR A 181 -16.84 -8.19 1.51
CA THR A 181 -16.80 -8.22 1.47
C THR A 181 -15.59 -7.63 2.18
N GLU A 182 -14.78 -6.88 1.42
CA GLU A 182 -13.59 -6.25 1.96
CA GLU A 182 -13.60 -6.24 1.97
C GLU A 182 -13.62 -4.76 1.69
N ILE A 183 -13.24 -3.97 2.69
CA ILE A 183 -13.11 -2.53 2.58
C ILE A 183 -11.71 -2.21 3.07
N LYS A 184 -10.88 -1.62 2.21
CA LYS A 184 -9.53 -1.24 2.60
C LYS A 184 -9.52 0.12 3.29
N LEU A 185 -8.80 0.21 4.42
CA LEU A 185 -8.60 1.47 5.14
C LEU A 185 -7.18 1.91 4.77
N ASN A 186 -7.10 3.01 4.02
CA ASN A 186 -5.85 3.60 3.53
CA ASN A 186 -5.83 3.59 3.55
C ASN A 186 -5.32 4.56 4.57
N VAL A 187 -4.01 4.78 4.57
CA VAL A 187 -3.35 5.58 5.61
C VAL A 187 -3.21 7.06 5.29
N VAL A 188 -3.50 7.93 6.30
CA VAL A 188 -3.22 9.36 6.21
C VAL A 188 -2.11 9.66 7.26
N THR A 189 -2.37 9.30 8.54
CA THR A 189 -1.39 9.49 9.63
C THR A 189 -1.35 8.19 10.45
N ASP A 190 -0.81 8.24 11.67
CA ASP A 190 -0.85 7.03 12.50
C ASP A 190 -2.28 6.74 13.04
N SER A 191 -3.19 7.75 13.06
N SER A 191 -3.17 7.77 13.06
CA SER A 191 -4.52 7.57 13.63
CA SER A 191 -4.51 7.68 13.66
C SER A 191 -5.66 7.86 12.64
C SER A 191 -5.65 8.04 12.70
N ILE A 192 -5.35 8.50 11.48
CA ILE A 192 -6.37 8.86 10.50
C ILE A 192 -6.19 7.95 9.28
N VAL A 193 -7.30 7.38 8.82
CA VAL A 193 -7.38 6.55 7.64
C VAL A 193 -8.50 7.06 6.75
N PHE A 194 -8.65 6.48 5.57
CA PHE A 194 -9.85 6.73 4.78
C PHE A 194 -10.23 5.47 4.05
N PHE A 195 -11.50 5.35 3.73
CA PHE A 195 -11.98 4.29 2.88
C PHE A 195 -12.81 5.01 1.81
N TYR A 196 -13.32 4.27 0.83
CA TYR A 196 -14.16 4.90 -0.18
C TYR A 196 -15.62 4.49 -0.01
N ALA A 197 -16.52 5.46 -0.08
CA ALA A 197 -17.94 5.19 -0.07
C ALA A 197 -18.39 4.61 -1.45
N GLY A 198 -19.61 4.07 -1.50
CA GLY A 198 -20.22 3.64 -2.75
C GLY A 198 -19.52 2.58 -3.58
N GLN A 199 -18.93 1.60 -2.89
CA GLN A 199 -18.24 0.45 -3.48
C GLN A 199 -16.96 0.81 -4.22
N ARG A 200 -16.48 2.06 -4.07
CA ARG A 200 -15.24 2.45 -4.73
C ARG A 200 -14.04 1.72 -4.10
N THR A 201 -12.99 1.51 -4.89
CA THR A 201 -11.76 0.86 -4.46
C THR A 201 -10.62 1.59 -5.15
N GLU A 202 -9.39 1.11 -4.92
CA GLU A 202 -8.18 1.58 -5.61
C GLU A 202 -8.33 1.49 -7.16
N ASP A 203 -9.24 0.62 -7.67
CA ASP A 203 -9.41 0.42 -9.11
C ASP A 203 -10.42 1.33 -9.76
N TYR A 204 -11.05 2.24 -8.99
CA TYR A 204 -12.08 3.11 -9.57
C TYR A 204 -11.47 4.43 -9.94
N GLU A 205 -11.73 4.89 -11.17
CA GLU A 205 -11.21 6.17 -11.62
CA GLU A 205 -11.23 6.18 -11.65
C GLU A 205 -11.69 7.33 -10.75
N ASP A 206 -12.98 7.31 -10.30
CA ASP A 206 -13.50 8.45 -9.53
C ASP A 206 -13.31 8.30 -8.01
N ARG A 207 -12.44 7.36 -7.56
CA ARG A 207 -12.36 7.05 -6.13
C ARG A 207 -12.09 8.25 -5.20
N ILE A 208 -11.22 9.21 -5.59
CA ILE A 208 -10.94 10.33 -4.65
C ILE A 208 -12.23 11.07 -4.26
N ASN A 209 -13.20 11.16 -5.18
CA ASN A 209 -14.46 11.86 -4.88
C ASN A 209 -15.26 11.23 -3.74
N TYR A 210 -14.96 9.93 -3.42
CA TYR A 210 -15.74 9.14 -2.47
C TYR A 210 -14.99 8.85 -1.18
N LYS A 211 -13.89 9.55 -0.95
CA LYS A 211 -13.11 9.35 0.28
C LYS A 211 -13.87 9.75 1.55
N VAL A 212 -13.89 8.82 2.51
CA VAL A 212 -14.50 9.04 3.83
C VAL A 212 -13.40 8.80 4.85
N PHE A 213 -13.12 9.81 5.66
CA PHE A 213 -12.04 9.76 6.64
C PHE A 213 -12.55 9.27 7.98
N LEU A 214 -11.71 8.50 8.67
CA LEU A 214 -11.95 7.99 10.03
C LEU A 214 -10.78 8.33 10.87
N GLN A 215 -11.04 8.87 12.07
CA GLN A 215 -9.98 9.15 13.03
CA GLN A 215 -9.97 9.14 13.02
C GLN A 215 -10.20 8.33 14.27
N PHE A 216 -9.18 7.57 14.67
CA PHE A 216 -9.23 6.75 15.89
C PHE A 216 -8.66 7.56 17.03
N THR A 217 -9.51 8.07 17.91
CA THR A 217 -9.01 8.89 19.02
C THR A 217 -8.56 8.01 20.18
N GLY A 218 -7.86 8.61 21.12
CA GLY A 218 -7.50 7.88 22.34
C GLY A 218 -8.47 8.14 23.48
N ASP A 219 -9.66 8.74 23.18
CA ASP A 219 -10.64 9.10 24.19
C ASP A 219 -11.74 8.05 24.36
N LYS A 220 -11.96 7.60 25.62
CA LYS A 220 -13.04 6.67 25.92
C LYS A 220 -14.41 7.32 25.79
N VAL A 221 -15.40 6.55 25.32
CA VAL A 221 -16.80 7.00 25.28
C VAL A 221 -17.31 7.19 26.72
N ASP A 222 -17.04 6.18 27.55
CA ASP A 222 -17.47 6.11 28.94
C ASP A 222 -16.26 5.62 29.72
N SER A 223 -15.80 6.41 30.71
CA SER A 223 -14.61 6.08 31.49
C SER A 223 -14.66 4.65 32.07
N LYS A 224 -15.89 4.13 32.31
CA LYS A 224 -16.12 2.82 32.90
C LYS A 224 -16.02 1.66 31.89
N LYS A 225 -15.98 1.98 30.56
CA LYS A 225 -15.99 0.95 29.51
C LYS A 225 -14.77 1.07 28.59
N ASP A 226 -14.65 0.18 27.58
N ASP A 226 -14.60 0.17 27.59
CA ASP A 226 -13.50 0.15 26.68
CA ASP A 226 -13.42 0.29 26.74
C ASP A 226 -13.84 0.57 25.25
C ASP A 226 -13.78 0.64 25.28
N LEU A 227 -14.89 1.37 25.07
CA LEU A 227 -15.25 1.90 23.75
C LEU A 227 -14.48 3.20 23.58
N TYR A 228 -13.98 3.45 22.38
CA TYR A 228 -13.24 4.68 22.10
C TYR A 228 -13.94 5.50 21.03
N LYS A 229 -13.85 6.82 21.16
CA LYS A 229 -14.47 7.76 20.22
C LYS A 229 -13.69 7.82 18.90
N LYS A 231 -13.80 10.18 14.90
CA LYS A 231 -14.32 11.25 14.05
C LYS A 231 -14.53 10.63 12.67
N ILE A 232 -15.55 11.10 11.95
CA ILE A 232 -15.83 10.68 10.58
C ILE A 232 -16.14 11.93 9.77
N TRP A 233 -15.57 12.05 8.56
CA TRP A 233 -15.89 13.22 7.74
C TRP A 233 -15.52 13.00 6.28
N ALA A 234 -15.94 13.92 5.41
CA ALA A 234 -15.56 13.90 4.02
C ALA A 234 -14.95 15.24 3.68
N GLU A 235 -14.09 15.28 2.67
CA GLU A 235 -13.55 16.56 2.18
C GLU A 235 -14.31 17.05 0.94
N ASN A 236 -14.86 16.11 0.15
CA ASN A 236 -15.56 16.43 -1.10
C ASN A 236 -16.97 16.95 -0.81
N GLU A 237 -17.20 18.27 -1.01
N GLU A 237 -17.20 18.27 -0.99
CA GLU A 237 -18.51 18.88 -0.77
CA GLU A 237 -18.53 18.86 -0.77
C GLU A 237 -19.60 18.30 -1.70
C GLU A 237 -19.58 18.18 -1.65
N LYS A 238 -19.22 17.80 -2.90
CA LYS A 238 -20.19 17.20 -3.85
C LYS A 238 -20.76 15.88 -3.34
N LEU A 239 -20.08 15.21 -2.38
CA LEU A 239 -20.63 13.96 -1.80
C LEU A 239 -21.90 14.18 -1.00
N LYS A 240 -22.12 15.44 -0.52
CA LYS A 240 -23.24 15.80 0.34
C LYS A 240 -23.23 14.84 1.54
N PHE A 241 -22.01 14.60 2.06
CA PHE A 241 -21.82 13.71 3.21
C PHE A 241 -22.56 14.21 4.43
N ASN A 242 -23.37 13.35 5.04
CA ASN A 242 -24.11 13.75 6.24
C ASN A 242 -24.15 12.56 7.21
N SER A 243 -23.39 12.67 8.31
CA SER A 243 -23.29 11.61 9.31
C SER A 243 -24.30 11.78 10.42
N TYR A 244 -24.93 10.68 10.85
CA TYR A 244 -25.96 10.69 11.90
C TYR A 244 -25.43 10.20 13.24
N SER A 245 -24.18 9.71 13.27
CA SER A 245 -23.58 9.29 14.53
C SER A 245 -22.10 9.24 14.43
N THR A 246 -21.43 9.63 15.52
CA THR A 246 -19.97 9.51 15.50
CA THR A 246 -19.99 9.54 15.59
C THR A 246 -19.64 8.04 15.78
N PRO A 247 -18.81 7.43 14.91
CA PRO A 247 -18.51 6.01 15.14
C PRO A 247 -17.71 5.77 16.42
N THR A 248 -17.70 4.51 16.87
CA THR A 248 -16.93 4.07 18.04
C THR A 248 -16.08 2.85 17.67
N TYR A 249 -15.07 2.55 18.46
CA TYR A 249 -14.30 1.34 18.19
C TYR A 249 -13.82 0.71 19.47
N LYS A 250 -13.50 -0.57 19.35
CA LYS A 250 -12.92 -1.37 20.40
C LYS A 250 -11.75 -2.11 19.82
N VAL A 251 -10.69 -2.22 20.62
CA VAL A 251 -9.46 -2.93 20.24
C VAL A 251 -9.20 -3.95 21.30
N SER A 252 -8.95 -5.20 20.91
CA SER A 252 -8.61 -6.28 21.85
C SER A 252 -7.66 -7.24 21.19
N SER A 253 -6.91 -7.97 22.00
CA SER A 253 -5.97 -8.97 21.52
C SER A 253 -6.00 -10.13 22.43
N GLU A 254 -5.66 -11.29 21.91
CA GLU A 254 -5.49 -12.51 22.69
C GLU A 254 -4.49 -13.40 21.98
N ASP A 256 -3.23 -17.01 20.58
CA ASP A 256 -3.88 -18.24 20.14
C ASP A 256 -3.71 -19.33 21.20
N ALA A 257 -4.76 -20.15 21.36
CA ALA A 257 -4.81 -21.22 22.35
C ALA A 257 -3.78 -22.31 22.09
N THR A 258 -3.49 -22.60 20.81
CA THR A 258 -2.57 -23.70 20.48
C THR A 258 -1.23 -23.18 19.89
N LYS A 259 -1.26 -22.17 19.01
CA LYS A 259 -0.03 -21.54 18.45
C LYS A 259 0.26 -20.36 19.35
N THR A 260 1.00 -20.61 20.42
CA THR A 260 1.16 -19.64 21.49
C THR A 260 2.04 -18.43 21.13
N TYR A 261 2.67 -18.43 19.94
CA TYR A 261 3.41 -17.28 19.41
C TYR A 261 2.49 -16.39 18.59
N LEU A 262 1.29 -16.89 18.27
CA LEU A 262 0.38 -16.20 17.39
C LEU A 262 -0.60 -15.31 18.15
N LYS A 263 -0.58 -14.02 17.83
CA LYS A 263 -1.48 -13.05 18.43
C LYS A 263 -2.66 -12.78 17.51
N HIS A 264 -3.88 -12.77 18.07
CA HIS A 264 -5.06 -12.34 17.33
C HIS A 264 -5.38 -10.94 17.81
N THR A 265 -5.41 -9.98 16.89
CA THR A 265 -5.74 -8.59 17.22
C THR A 265 -7.03 -8.23 16.51
N TYR A 266 -8.02 -7.74 17.27
CA TYR A 266 -9.33 -7.38 16.72
C TYR A 266 -9.61 -5.91 16.86
N ILE A 267 -10.09 -5.28 15.78
CA ILE A 267 -10.56 -3.91 15.81
C ILE A 267 -11.96 -3.96 15.29
N VAL A 268 -12.92 -3.45 16.07
CA VAL A 268 -14.30 -3.45 15.61
C VAL A 268 -14.79 -2.02 15.66
N ILE A 269 -15.25 -1.51 14.52
CA ILE A 269 -15.79 -0.15 14.37
C ILE A 269 -17.31 -0.27 14.30
N SER A 270 -18.03 0.53 15.08
CA SER A 270 -19.49 0.50 15.08
C SER A 270 -20.06 1.89 14.93
N ASP A 271 -21.38 1.98 14.78
CA ASP A 271 -22.09 3.25 14.77
C ASP A 271 -21.73 4.15 13.57
N ILE A 272 -21.45 3.53 12.43
CA ILE A 272 -21.29 4.28 11.18
C ILE A 272 -22.70 4.45 10.60
N ASP A 273 -23.05 5.66 10.23
CA ASP A 273 -24.37 5.92 9.62
C ASP A 273 -24.29 7.25 8.90
N PHE A 274 -24.16 7.21 7.56
CA PHE A 274 -24.08 8.46 6.83
C PHE A 274 -24.73 8.38 5.48
N ASP A 275 -25.32 9.51 5.08
CA ASP A 275 -25.82 9.69 3.74
C ASP A 275 -24.70 10.24 2.87
N PHE A 276 -24.74 9.92 1.56
CA PHE A 276 -23.83 10.48 0.57
C PHE A 276 -24.48 10.33 -0.76
N VAL A 277 -23.98 11.06 -1.75
CA VAL A 277 -24.52 11.03 -3.09
CA VAL A 277 -24.54 10.95 -3.08
C VAL A 277 -23.49 10.45 -4.05
N ASP A 278 -23.93 9.57 -4.95
CA ASP A 278 -23.12 9.05 -6.04
C ASP A 278 -23.52 9.92 -7.23
N TYR A 279 -22.68 10.88 -7.61
CA TYR A 279 -23.03 11.80 -8.69
C TYR A 279 -22.22 11.49 -9.97
N THR A 280 -21.56 10.30 -10.03
CA THR A 280 -20.70 10.02 -11.19
C THR A 280 -20.97 8.66 -11.85
N SER A 281 -21.61 7.69 -11.16
CA SER A 281 -21.87 6.35 -11.77
C SER A 281 -22.84 6.39 -12.92
N VAL A 282 -23.94 7.15 -12.74
CA VAL A 282 -25.02 7.16 -13.70
C VAL A 282 -24.93 8.43 -14.50
N PRO A 283 -24.84 8.32 -15.84
CA PRO A 283 -24.78 9.53 -16.66
C PRO A 283 -25.87 10.53 -16.32
N ASN A 284 -25.43 11.78 -16.06
CA ASN A 284 -26.25 12.98 -15.82
C ASN A 284 -27.27 12.74 -14.71
N TYR A 285 -26.91 11.93 -13.73
CA TYR A 285 -27.85 11.62 -12.67
C TYR A 285 -27.10 11.45 -11.34
N GLU A 286 -27.87 11.53 -10.26
CA GLU A 286 -27.40 11.46 -8.87
CA GLU A 286 -27.35 11.42 -8.91
C GLU A 286 -28.19 10.47 -8.07
N ILE A 287 -27.51 9.58 -7.33
CA ILE A 287 -28.19 8.61 -6.47
CA ILE A 287 -28.19 8.62 -6.47
C ILE A 287 -27.91 8.97 -5.01
N GLU A 288 -28.98 9.13 -4.21
CA GLU A 288 -28.83 9.45 -2.80
C GLU A 288 -28.78 8.16 -2.01
N TYR A 289 -27.60 7.84 -1.52
CA TYR A 289 -27.36 6.63 -0.76
C TYR A 289 -27.13 6.89 0.72
N ASN A 290 -26.98 5.79 1.45
CA ASN A 290 -26.64 5.77 2.86
C ASN A 290 -25.80 4.53 3.14
N LYS A 292 -24.64 2.26 6.48
CA LYS A 292 -24.88 2.11 7.93
C LYS A 292 -24.38 0.79 8.43
N GLY A 293 -23.76 0.81 9.58
CA GLY A 293 -23.29 -0.44 10.17
C GLY A 293 -21.92 -0.30 10.78
N GLY A 294 -21.09 -1.29 10.53
CA GLY A 294 -19.76 -1.30 11.09
C GLY A 294 -18.76 -2.05 10.24
N LEU A 295 -17.52 -2.02 10.72
CA LEU A 295 -16.36 -2.65 10.07
C LEU A 295 -15.55 -3.40 11.08
N SER A 296 -14.81 -4.41 10.64
CA SER A 296 -13.98 -5.12 11.59
C SER A 296 -12.76 -5.69 10.91
N VAL A 297 -11.70 -5.85 11.71
CA VAL A 297 -10.50 -6.54 11.23
C VAL A 297 -10.11 -7.57 12.28
N SER A 298 -9.63 -8.72 11.82
CA SER A 298 -9.14 -9.77 12.69
C SER A 298 -7.74 -10.13 12.15
N ARG A 299 -6.69 -9.64 12.83
CA ARG A 299 -5.32 -9.87 12.40
C ARG A 299 -4.73 -11.07 13.09
N ASP A 300 -3.94 -11.87 12.36
CA ASP A 300 -3.13 -12.97 12.87
C ASP A 300 -1.70 -12.50 12.74
N LEU A 301 -1.04 -12.35 13.87
CA LEU A 301 0.31 -11.82 13.88
C LEU A 301 1.27 -12.79 14.53
N ASP A 302 2.33 -13.12 13.82
CA ASP A 302 3.35 -13.98 14.39
C ASP A 302 4.25 -13.05 15.19
N THR A 303 4.13 -13.12 16.53
CA THR A 303 4.86 -12.19 17.40
C THR A 303 6.39 -12.41 17.38
N ARG A 304 6.87 -13.45 16.66
CA ARG A 304 8.31 -13.72 16.57
C ARG A 304 8.94 -13.00 15.41
N LYS A 305 8.10 -12.34 14.59
CA LYS A 305 8.55 -11.64 13.37
CA LYS A 305 8.57 -11.64 13.39
C LYS A 305 8.27 -10.17 13.43
N PRO A 306 9.14 -9.31 12.81
CA PRO A 306 8.80 -7.88 12.74
C PRO A 306 7.47 -7.65 12.01
N ASP A 307 6.81 -6.52 12.30
CA ASP A 307 5.53 -6.16 11.63
C ASP A 307 5.63 -6.19 10.12
N GLU A 308 6.76 -5.70 9.58
CA GLU A 308 6.94 -5.61 8.12
C GLU A 308 7.09 -6.95 7.43
N ASP A 309 7.41 -8.01 8.19
CA ASP A 309 7.61 -9.35 7.65
CA ASP A 309 7.61 -9.35 7.63
C ASP A 309 6.36 -10.20 7.80
N GLN A 310 5.25 -9.61 8.32
CA GLN A 310 4.01 -10.41 8.46
C GLN A 310 3.45 -10.72 7.10
N GLY A 311 2.76 -11.85 6.99
CA GLY A 311 2.06 -12.21 5.77
C GLY A 311 0.72 -11.49 5.67
N SER A 312 -0.08 -11.79 4.64
CA SER A 312 -1.36 -11.10 4.43
C SER A 312 -2.40 -11.43 5.52
N ASP A 313 -2.19 -12.50 6.36
CA ASP A 313 -3.14 -12.78 7.44
C ASP A 313 -3.08 -11.68 8.54
N SER A 314 -2.06 -10.75 8.45
CA SER A 314 -1.99 -9.58 9.32
C SER A 314 -3.08 -8.60 8.92
N LYS A 315 -3.58 -8.73 7.67
CA LYS A 315 -4.60 -7.86 7.07
CA LYS A 315 -4.59 -7.86 7.06
C LYS A 315 -4.08 -6.43 6.81
N TRP A 316 -2.77 -6.16 7.01
CA TRP A 316 -2.25 -4.82 6.68
C TRP A 316 -2.05 -4.71 5.15
N TRP A 317 -1.95 -5.87 4.49
CA TRP A 317 -1.74 -6.02 3.05
C TRP A 317 -2.26 -7.40 2.63
#